data_8HXQ
#
_entry.id   8HXQ
#
_cell.length_a   66.773
_cell.length_b   66.773
_cell.length_c   174.237
_cell.angle_alpha   90.000
_cell.angle_beta   90.000
_cell.angle_gamma   90.000
#
_symmetry.space_group_name_H-M   'P 41 21 2'
#
loop_
_entity.id
_entity.type
_entity.pdbx_description
1 polymer Nanobody1
2 polymer 'Tumor necrosis factor receptor superfamily member 17'
3 water water
#
loop_
_entity_poly.entity_id
_entity_poly.type
_entity_poly.pdbx_seq_one_letter_code
_entity_poly.pdbx_strand_id
1 'polypeptide(L)'
;QVKLEESGGGLVQAGRSLRLSCAASEHTFSSHVMGWFRQAPGKERESVAVIGWRDISTSYADSVKGRFTISRDNAKKTLY
LQMNSLKPEDTAVYYCAARRIDAADFDSWGQGTQVTVSSHHHHHH
;
A,B
2 'polypeptide(L)' MLQMAGQCSQNEYFDSLLHACIPCQLRCSSNTPPLTCQRYCNASVTNSVKGTNA C,D
#
# COMPACT_ATOMS: atom_id res chain seq x y z
N GLN A 1 11.23 -6.71 -19.08
CA GLN A 1 10.17 -5.85 -18.52
C GLN A 1 10.05 -4.57 -19.33
N VAL A 2 8.94 -3.88 -19.19
CA VAL A 2 8.68 -2.62 -19.93
C VAL A 2 9.46 -1.51 -19.25
N LYS A 3 10.02 -0.60 -20.04
CA LYS A 3 10.80 0.53 -19.50
C LYS A 3 9.88 1.73 -19.34
N LEU A 4 10.12 2.55 -18.32
CA LEU A 4 9.31 3.73 -18.04
C LEU A 4 10.20 4.97 -18.00
N GLU A 5 9.66 6.08 -18.48
CA GLU A 5 10.36 7.38 -18.48
C GLU A 5 9.41 8.43 -17.98
N GLU A 6 9.78 9.13 -16.93
CA GLU A 6 8.89 10.11 -16.32
C GLU A 6 9.29 11.53 -16.70
N SER A 7 8.34 12.45 -16.49
CA SER A 7 8.54 13.87 -16.75
C SER A 7 7.36 14.62 -16.15
N GLY A 8 7.49 15.95 -16.09
CA GLY A 8 6.43 16.82 -15.63
C GLY A 8 6.64 17.41 -14.25
N GLY A 9 7.64 16.98 -13.50
CA GLY A 9 7.84 17.48 -12.16
C GLY A 9 8.42 18.88 -12.14
N GLY A 10 8.33 19.50 -10.98
CA GLY A 10 8.86 20.84 -10.81
C GLY A 10 8.52 21.41 -9.45
N LEU A 11 8.84 22.70 -9.30
CA LEU A 11 8.54 23.45 -8.09
C LEU A 11 7.35 24.36 -8.37
N VAL A 12 6.29 24.18 -7.58
CA VAL A 12 5.05 24.93 -7.75
C VAL A 12 4.66 25.52 -6.39
N GLN A 13 3.68 26.42 -6.42
CA GLN A 13 3.10 27.00 -5.22
C GLN A 13 1.80 26.27 -4.88
N ALA A 14 1.47 26.28 -3.59
CA ALA A 14 0.32 25.52 -3.11
C ALA A 14 -0.96 25.97 -3.80
N GLY A 15 -1.79 24.99 -4.17
CA GLY A 15 -3.03 25.24 -4.84
C GLY A 15 -2.98 25.09 -6.35
N ARG A 16 -1.77 25.08 -6.91
CA ARG A 16 -1.63 24.98 -8.37
C ARG A 16 -1.73 23.53 -8.82
N SER A 17 -1.68 23.33 -10.13
CA SER A 17 -1.78 22.00 -10.72
C SER A 17 -0.45 21.60 -11.34
N LEU A 18 -0.33 20.30 -11.62
CA LEU A 18 0.84 19.75 -12.29
C LEU A 18 0.48 18.41 -12.88
N ARG A 19 0.91 18.14 -14.10
CA ARG A 19 0.66 16.86 -14.76
C ARG A 19 1.97 16.12 -14.91
N LEU A 20 2.07 14.95 -14.29
CA LEU A 20 3.19 14.05 -14.52
C LEU A 20 2.85 13.06 -15.62
N SER A 21 3.86 12.67 -16.40
CA SER A 21 3.71 11.71 -17.47
C SER A 21 4.79 10.63 -17.38
N CYS A 22 4.42 9.44 -17.83
CA CYS A 22 5.26 8.24 -17.77
C CYS A 22 5.08 7.50 -19.10
N ALA A 23 6.06 7.63 -19.98
CA ALA A 23 6.05 6.95 -21.26
C ALA A 23 6.59 5.53 -21.10
N ALA A 24 5.90 4.57 -21.72
CA ALA A 24 6.27 3.16 -21.64
C ALA A 24 6.81 2.68 -22.99
N SER A 25 7.72 1.71 -22.93
CA SER A 25 8.31 1.15 -24.14
C SER A 25 7.38 0.18 -24.86
N GLU A 26 6.23 -0.14 -24.29
CA GLU A 26 5.28 -1.03 -24.93
C GLU A 26 3.89 -0.73 -24.38
N HIS A 27 2.89 -1.37 -24.96
CA HIS A 27 1.51 -1.18 -24.51
C HIS A 27 1.27 -1.91 -23.20
N THR A 28 0.43 -1.30 -22.36
CA THR A 28 0.13 -1.83 -21.03
C THR A 28 -1.36 -1.99 -20.77
N PHE A 29 -2.22 -1.46 -21.64
CA PHE A 29 -3.66 -1.40 -21.39
C PHE A 29 -4.23 -2.76 -20.97
N SER A 30 -3.87 -3.82 -21.67
CA SER A 30 -4.39 -5.15 -21.31
C SER A 30 -3.32 -6.08 -20.76
N SER A 31 -2.12 -5.58 -20.50
CA SER A 31 -1.02 -6.43 -20.04
C SER A 31 -0.40 -6.03 -18.72
N HIS A 32 -0.54 -4.78 -18.27
CA HIS A 32 0.20 -4.32 -17.10
C HIS A 32 -0.69 -3.44 -16.21
N VAL A 33 -0.62 -3.70 -14.91
CA VAL A 33 -1.14 -2.77 -13.90
C VAL A 33 -0.11 -1.67 -13.68
N MET A 34 -0.59 -0.42 -13.58
CA MET A 34 0.31 0.72 -13.47
C MET A 34 0.02 1.49 -12.18
N GLY A 35 1.03 2.21 -11.71
CA GLY A 35 0.91 2.93 -10.44
C GLY A 35 1.82 4.12 -10.36
N TRP A 36 1.37 5.13 -9.62
CA TRP A 36 2.19 6.25 -9.18
C TRP A 36 2.44 6.09 -7.69
N PHE A 37 3.72 6.17 -7.30
CA PHE A 37 4.21 6.11 -5.94
C PHE A 37 4.97 7.40 -5.64
N ARG A 38 5.20 7.67 -4.36
CA ARG A 38 5.95 8.87 -4.00
C ARG A 38 6.72 8.64 -2.71
N GLN A 39 7.87 9.29 -2.61
CA GLN A 39 8.73 9.17 -1.44
C GLN A 39 9.25 10.56 -1.07
N ALA A 40 8.94 11.00 0.15
CA ALA A 40 9.39 12.26 0.72
C ALA A 40 10.70 12.06 1.48
N PRO A 41 11.46 13.14 1.73
CA PRO A 41 12.73 13.00 2.44
C PRO A 41 12.56 12.33 3.80
N GLY A 42 13.37 11.30 4.05
CA GLY A 42 13.30 10.56 5.28
C GLY A 42 12.09 9.68 5.46
N LYS A 43 11.19 9.63 4.48
CA LYS A 43 9.96 8.85 4.57
C LYS A 43 10.03 7.62 3.68
N GLU A 44 9.07 6.72 3.88
CA GLU A 44 8.99 5.53 3.07
C GLU A 44 8.24 5.83 1.77
N ARG A 45 8.51 5.00 0.76
CA ARG A 45 7.77 5.12 -0.48
C ARG A 45 6.33 4.65 -0.28
N GLU A 46 5.37 5.47 -0.68
CA GLU A 46 3.95 5.17 -0.52
C GLU A 46 3.27 5.16 -1.88
N SER A 47 2.25 4.31 -2.01
CA SER A 47 1.48 4.23 -3.24
C SER A 47 0.48 5.37 -3.30
N VAL A 48 0.46 6.08 -4.42
CA VAL A 48 -0.45 7.21 -4.62
C VAL A 48 -1.68 6.79 -5.40
N ALA A 49 -1.48 6.15 -6.56
CA ALA A 49 -2.61 5.80 -7.40
C ALA A 49 -2.27 4.55 -8.21
N VAL A 50 -3.28 3.74 -8.48
CA VAL A 50 -3.10 2.49 -9.22
C VAL A 50 -4.24 2.34 -10.22
N ILE A 51 -3.91 2.04 -11.48
CA ILE A 51 -4.88 1.75 -12.52
C ILE A 51 -4.65 0.34 -13.01
N GLY A 52 -5.75 -0.44 -13.11
CA GLY A 52 -5.68 -1.86 -13.33
C GLY A 52 -5.90 -2.26 -14.78
N TRP A 53 -6.13 -3.56 -14.97
CA TRP A 53 -6.29 -4.12 -16.31
C TRP A 53 -7.42 -3.44 -17.07
N ARG A 54 -7.10 -2.92 -18.25
CA ARG A 54 -8.08 -2.27 -19.14
C ARG A 54 -8.79 -1.10 -18.46
N ASP A 55 -8.14 -0.48 -17.48
CA ASP A 55 -8.66 0.71 -16.80
C ASP A 55 -10.03 0.47 -16.18
N ILE A 56 -10.29 -0.77 -15.77
CA ILE A 56 -11.56 -1.07 -15.12
C ILE A 56 -11.62 -0.44 -13.73
N SER A 57 -10.51 -0.49 -12.97
CA SER A 57 -10.50 -0.04 -11.59
C SER A 57 -9.32 0.90 -11.35
N THR A 58 -9.61 2.09 -10.83
CA THR A 58 -8.59 2.99 -10.31
C THR A 58 -8.73 3.10 -8.80
N SER A 59 -7.60 3.19 -8.11
CA SER A 59 -7.58 3.34 -6.67
C SER A 59 -6.61 4.45 -6.29
N TYR A 60 -6.95 5.21 -5.25
CA TYR A 60 -6.15 6.34 -4.83
C TYR A 60 -5.90 6.29 -3.33
N ALA A 61 -4.79 6.88 -2.92
CA ALA A 61 -4.57 7.15 -1.50
C ALA A 61 -5.54 8.21 -1.03
N ASP A 62 -6.04 8.04 0.18
CA ASP A 62 -7.04 8.94 0.82
C ASP A 62 -6.51 10.37 0.89
N SER A 63 -5.22 10.53 1.10
CA SER A 63 -4.64 11.87 1.21
C SER A 63 -4.72 12.62 -0.12
N VAL A 64 -4.76 11.90 -1.24
CA VAL A 64 -4.83 12.50 -2.55
C VAL A 64 -6.19 12.34 -3.20
N LYS A 65 -7.14 11.68 -2.53
CA LYS A 65 -8.45 11.41 -3.10
C LYS A 65 -9.15 12.72 -3.47
N GLY A 66 -9.76 12.74 -4.66
CA GLY A 66 -10.45 13.90 -5.16
C GLY A 66 -9.57 14.96 -5.80
N ARG A 67 -8.27 14.92 -5.52
CA ARG A 67 -7.34 15.94 -6.08
C ARG A 67 -6.49 15.35 -7.23
N PHE A 68 -6.11 14.08 -7.10
CA PHE A 68 -5.27 13.43 -8.10
C PHE A 68 -6.14 12.58 -9.02
N THR A 69 -5.66 12.36 -10.24
CA THR A 69 -6.30 11.45 -11.18
C THR A 69 -5.23 10.71 -11.95
N ILE A 70 -5.25 9.39 -11.88
CA ILE A 70 -4.37 8.56 -12.70
C ILE A 70 -5.14 8.16 -13.95
N SER A 71 -4.47 8.24 -15.10
CA SER A 71 -5.13 7.85 -16.34
C SER A 71 -4.07 7.30 -17.30
N ARG A 72 -4.55 6.79 -18.43
CA ARG A 72 -3.66 6.09 -19.36
C ARG A 72 -4.14 6.30 -20.79
N ASP A 73 -3.24 6.75 -21.66
CA ASP A 73 -3.49 6.82 -23.10
C ASP A 73 -2.71 5.69 -23.76
N ASN A 74 -3.45 4.67 -24.24
CA ASN A 74 -2.80 3.49 -24.80
C ASN A 74 -2.15 3.78 -26.14
N ALA A 75 -2.76 4.63 -26.97
CA ALA A 75 -2.13 5.01 -28.23
C ALA A 75 -0.79 5.69 -27.99
N LYS A 76 -0.77 6.62 -27.02
CA LYS A 76 0.46 7.37 -26.67
C LYS A 76 1.34 6.54 -25.71
N LYS A 77 0.88 5.33 -25.35
CA LYS A 77 1.62 4.46 -24.44
C LYS A 77 2.10 5.22 -23.22
N THR A 78 1.23 6.07 -22.67
CA THR A 78 1.63 7.00 -21.63
C THR A 78 0.66 6.98 -20.46
N LEU A 79 1.19 6.80 -19.27
CA LEU A 79 0.46 6.97 -18.03
C LEU A 79 0.56 8.42 -17.56
N TYR A 80 -0.48 8.91 -16.92
CA TYR A 80 -0.55 10.30 -16.48
C TYR A 80 -1.01 10.36 -15.03
N LEU A 81 -0.49 11.36 -14.32
CA LEU A 81 -0.97 11.70 -12.99
C LEU A 81 -1.27 13.19 -12.96
N GLN A 82 -2.56 13.54 -12.95
CA GLN A 82 -2.99 14.92 -12.87
C GLN A 82 -3.15 15.30 -11.40
N MET A 83 -2.42 16.33 -10.96
CA MET A 83 -2.35 16.72 -9.56
C MET A 83 -2.92 18.13 -9.42
N ASN A 84 -4.13 18.22 -8.87
CA ASN A 84 -4.76 19.49 -8.56
C ASN A 84 -4.74 19.72 -7.05
N SER A 85 -4.91 20.98 -6.66
CA SER A 85 -4.95 21.38 -5.25
C SER A 85 -3.71 20.90 -4.51
N LEU A 86 -2.54 21.23 -5.06
CA LEU A 86 -1.28 20.73 -4.53
C LEU A 86 -0.99 21.37 -3.17
N LYS A 87 -0.65 20.54 -2.20
CA LYS A 87 -0.33 20.94 -0.84
C LYS A 87 1.15 20.72 -0.56
N PRO A 88 1.73 21.40 0.43
CA PRO A 88 3.14 21.16 0.77
C PRO A 88 3.47 19.71 1.04
N GLU A 89 2.57 18.97 1.69
CA GLU A 89 2.82 17.56 2.00
C GLU A 89 2.86 16.67 0.76
N ASP A 90 2.68 17.27 -0.41
CA ASP A 90 2.75 16.51 -1.67
C ASP A 90 4.21 16.52 -2.12
N THR A 91 5.07 17.29 -1.50
CA THR A 91 6.48 17.38 -1.87
C THR A 91 7.15 16.01 -1.73
N ALA A 92 7.64 15.46 -2.85
CA ALA A 92 8.27 14.15 -2.84
C ALA A 92 8.85 13.88 -4.23
N VAL A 93 9.59 12.79 -4.32
CA VAL A 93 9.99 12.22 -5.60
C VAL A 93 8.91 11.24 -6.02
N TYR A 94 8.35 11.44 -7.21
CA TYR A 94 7.23 10.64 -7.70
C TYR A 94 7.73 9.65 -8.75
N TYR A 95 7.35 8.39 -8.59
CA TYR A 95 7.75 7.30 -9.48
C TYR A 95 6.52 6.72 -10.15
N CYS A 96 6.71 6.26 -11.38
CA CYS A 96 5.73 5.41 -12.01
C CYS A 96 6.26 3.98 -12.03
N ALA A 97 5.34 3.03 -11.94
CA ALA A 97 5.69 1.63 -11.86
C ALA A 97 4.67 0.80 -12.63
N ALA A 98 5.12 -0.37 -13.10
CA ALA A 98 4.28 -1.26 -13.87
C ALA A 98 4.56 -2.70 -13.44
N ARG A 99 3.54 -3.54 -13.54
CA ARG A 99 3.71 -4.97 -13.29
C ARG A 99 2.74 -5.75 -14.15
N ARG A 100 3.21 -6.83 -14.73
CA ARG A 100 2.33 -7.71 -15.53
C ARG A 100 1.12 -8.07 -14.69
N ILE A 101 0.00 -8.31 -15.34
CA ILE A 101 -1.25 -8.61 -14.65
C ILE A 101 -1.20 -9.95 -13.92
N ASP A 102 -0.21 -10.79 -14.22
CA ASP A 102 -0.02 -12.05 -13.50
C ASP A 102 1.19 -12.02 -12.58
N ALA A 103 1.60 -10.83 -12.13
CA ALA A 103 2.72 -10.67 -11.21
C ALA A 103 2.26 -9.85 -10.02
N ALA A 104 2.60 -10.31 -8.81
CA ALA A 104 2.11 -9.66 -7.60
C ALA A 104 2.80 -8.34 -7.31
N ASP A 105 4.04 -8.15 -7.78
CA ASP A 105 4.85 -7.00 -7.39
C ASP A 105 5.26 -6.16 -8.59
N PHE A 106 5.43 -4.86 -8.35
CA PHE A 106 5.90 -3.94 -9.38
C PHE A 106 7.40 -4.13 -9.59
N ASP A 107 7.79 -4.47 -10.82
CA ASP A 107 9.19 -4.71 -11.13
C ASP A 107 9.74 -3.74 -12.18
N SER A 108 8.90 -2.87 -12.74
CA SER A 108 9.34 -1.83 -13.65
C SER A 108 9.15 -0.48 -12.98
N TRP A 109 10.18 0.37 -13.05
CA TRP A 109 10.16 1.65 -12.35
C TRP A 109 10.82 2.73 -13.20
N GLY A 110 10.21 3.91 -13.23
CA GLY A 110 10.87 5.07 -13.81
C GLY A 110 11.88 5.69 -12.86
N GLN A 111 12.70 6.60 -13.38
CA GLN A 111 13.78 7.22 -12.58
C GLN A 111 13.23 8.16 -11.51
N GLY A 112 11.96 8.49 -11.60
CA GLY A 112 11.38 9.43 -10.66
C GLY A 112 11.54 10.87 -11.11
N THR A 113 10.65 11.72 -10.61
CA THR A 113 10.68 13.15 -10.91
C THR A 113 10.33 13.93 -9.65
N GLN A 114 11.03 15.04 -9.44
CA GLN A 114 10.87 15.80 -8.21
C GLN A 114 9.66 16.71 -8.29
N VAL A 115 8.82 16.68 -7.27
CA VAL A 115 7.69 17.61 -7.14
C VAL A 115 7.86 18.32 -5.80
N THR A 116 7.99 19.64 -5.85
CA THR A 116 8.08 20.46 -4.66
C THR A 116 6.94 21.47 -4.65
N VAL A 117 6.29 21.62 -3.49
CA VAL A 117 5.14 22.50 -3.34
C VAL A 117 5.42 23.44 -2.18
N SER A 118 5.60 24.73 -2.49
CA SER A 118 5.84 25.74 -1.48
C SER A 118 4.53 26.46 -1.13
N SER A 119 4.64 27.47 -0.27
CA SER A 119 3.50 28.26 0.16
C SER A 119 3.76 29.76 0.01
N LEU B 2 -5.09 2.13 -0.44
CA LEU B 2 -5.80 2.49 -1.67
C LEU B 2 -7.23 1.95 -1.67
N GLN B 3 -8.16 2.75 -2.19
CA GLN B 3 -9.55 2.36 -2.33
C GLN B 3 -10.11 2.96 -3.62
N MET B 4 -11.05 2.24 -4.23
CA MET B 4 -11.76 2.79 -5.38
C MET B 4 -12.80 3.79 -4.93
N ALA B 5 -13.16 4.70 -5.85
CA ALA B 5 -14.23 5.64 -5.58
C ALA B 5 -15.53 4.91 -5.28
N GLY B 6 -15.91 3.97 -6.14
CA GLY B 6 -17.06 3.12 -5.94
C GLY B 6 -16.66 1.73 -5.49
N GLN B 7 -17.54 0.77 -5.79
CA GLN B 7 -17.30 -0.61 -5.42
C GLN B 7 -17.70 -1.53 -6.56
N CYS B 8 -17.13 -2.72 -6.59
CA CYS B 8 -17.55 -3.72 -7.55
C CYS B 8 -19.02 -4.07 -7.34
N SER B 9 -19.71 -4.38 -8.43
CA SER B 9 -21.12 -4.72 -8.33
C SER B 9 -21.28 -6.08 -7.65
N GLN B 10 -22.52 -6.34 -7.22
CA GLN B 10 -22.91 -7.54 -6.44
C GLN B 10 -22.30 -8.83 -6.97
N ASN B 11 -22.54 -9.15 -8.25
CA ASN B 11 -22.08 -10.42 -8.81
C ASN B 11 -20.65 -10.32 -9.34
N GLU B 12 -19.87 -9.43 -8.77
CA GLU B 12 -18.47 -9.25 -9.13
C GLU B 12 -17.59 -9.47 -7.91
N TYR B 13 -16.28 -9.48 -8.15
CA TYR B 13 -15.29 -9.54 -7.09
C TYR B 13 -14.05 -8.78 -7.54
N PHE B 14 -13.32 -8.21 -6.59
CA PHE B 14 -12.11 -7.45 -6.94
C PHE B 14 -10.94 -8.40 -7.09
N ASP B 15 -10.48 -8.60 -8.33
CA ASP B 15 -9.29 -9.39 -8.61
C ASP B 15 -8.07 -8.54 -8.33
N SER B 16 -7.25 -9.00 -7.39
CA SER B 16 -6.10 -8.21 -6.94
C SER B 16 -4.98 -8.22 -7.96
N LEU B 17 -4.78 -9.36 -8.63
CA LEU B 17 -3.72 -9.46 -9.64
C LEU B 17 -4.00 -8.52 -10.80
N LEU B 18 -5.21 -8.56 -11.36
CA LEU B 18 -5.57 -7.62 -12.40
C LEU B 18 -5.92 -6.25 -11.87
N HIS B 19 -6.10 -6.12 -10.55
CA HIS B 19 -6.59 -4.88 -9.95
C HIS B 19 -7.84 -4.39 -10.68
N ALA B 20 -8.87 -5.24 -10.67
CA ALA B 20 -10.06 -4.87 -11.42
C ALA B 20 -11.24 -5.66 -10.89
N CYS B 21 -12.43 -5.07 -11.00
CA CYS B 21 -13.64 -5.84 -10.79
C CYS B 21 -13.76 -6.88 -11.89
N ILE B 22 -14.09 -8.11 -11.50
CA ILE B 22 -14.18 -9.23 -12.42
C ILE B 22 -15.47 -9.98 -12.13
N PRO B 23 -16.24 -10.40 -13.14
CA PRO B 23 -17.45 -11.17 -12.87
C PRO B 23 -17.12 -12.54 -12.29
N CYS B 24 -17.88 -12.92 -11.26
CA CYS B 24 -17.64 -14.18 -10.59
C CYS B 24 -18.04 -15.39 -11.43
N GLN B 25 -18.71 -15.19 -12.55
CA GLN B 25 -19.07 -16.36 -13.38
C GLN B 25 -17.80 -16.95 -14.00
N LEU B 26 -16.71 -16.21 -14.02
CA LEU B 26 -15.49 -16.72 -14.61
C LEU B 26 -14.72 -17.65 -13.68
N ARG B 27 -15.02 -17.60 -12.40
CA ARG B 27 -14.23 -18.46 -11.51
C ARG B 27 -15.12 -19.54 -10.92
N CYS B 28 -16.44 -19.46 -11.15
CA CYS B 28 -17.35 -20.51 -10.64
C CYS B 28 -16.86 -21.86 -11.18
N SER B 29 -16.88 -22.92 -10.36
CA SER B 29 -16.36 -24.22 -10.85
C SER B 29 -14.91 -24.44 -10.43
N SER B 30 -14.01 -24.05 -11.35
CA SER B 30 -12.54 -24.19 -11.21
C SER B 30 -12.25 -24.24 -9.71
N ASN B 31 -11.35 -25.10 -9.25
CA ASN B 31 -11.17 -25.15 -7.78
C ASN B 31 -10.02 -24.25 -7.33
N THR B 32 -10.41 -23.07 -6.85
CA THR B 32 -9.52 -21.97 -6.41
C THR B 32 -10.42 -20.74 -6.26
N PRO B 33 -11.75 -20.91 -6.22
CA PRO B 33 -12.69 -19.80 -6.19
C PRO B 33 -12.73 -18.86 -5.00
N PRO B 34 -12.61 -17.54 -5.19
CA PRO B 34 -12.83 -16.60 -4.08
C PRO B 34 -14.30 -16.66 -3.63
N LEU B 35 -14.51 -16.56 -2.31
CA LEU B 35 -15.78 -16.99 -1.74
C LEU B 35 -16.91 -16.01 -2.02
N THR B 36 -16.60 -14.71 -2.12
CA THR B 36 -17.63 -13.71 -2.41
C THR B 36 -18.38 -14.06 -3.69
N CYS B 37 -17.75 -14.90 -4.53
CA CYS B 37 -18.40 -15.46 -5.69
C CYS B 37 -19.30 -16.64 -5.35
N GLN B 38 -19.02 -17.35 -4.26
CA GLN B 38 -19.59 -18.68 -4.12
C GLN B 38 -21.09 -18.68 -3.83
N ARG B 39 -21.61 -17.58 -3.35
CA ARG B 39 -23.07 -17.63 -3.33
C ARG B 39 -23.43 -17.71 -4.81
N TYR B 40 -23.30 -16.63 -5.55
CA TYR B 40 -23.64 -16.71 -6.99
C TYR B 40 -23.26 -18.06 -7.61
N CYS B 41 -21.98 -18.41 -7.48
CA CYS B 41 -21.41 -19.65 -8.11
C CYS B 41 -22.09 -20.93 -7.62
N ASN B 42 -22.53 -20.97 -6.36
CA ASN B 42 -23.13 -22.21 -5.79
C ASN B 42 -24.61 -22.25 -6.20
N ALA B 43 -25.19 -21.07 -6.36
CA ALA B 43 -26.60 -20.82 -6.77
C ALA B 43 -26.79 -21.17 -8.26
N SER B 44 -25.77 -21.77 -8.86
CA SER B 44 -25.84 -22.19 -10.28
C SER B 44 -26.39 -23.61 -10.36
N VAL B 45 -26.26 -24.20 -11.54
CA VAL B 45 -26.75 -25.58 -11.78
C VAL B 45 -26.12 -26.11 -13.07
N GLN C 1 7.66 -18.97 7.80
CA GLN C 1 6.19 -19.22 7.85
C GLN C 1 5.74 -19.35 9.29
N VAL C 2 5.00 -18.37 9.75
CA VAL C 2 4.46 -18.36 11.13
C VAL C 2 2.95 -18.52 11.00
N LYS C 3 2.27 -19.00 12.02
CA LYS C 3 0.81 -19.12 11.92
C LYS C 3 0.22 -18.02 12.76
N LEU C 4 -0.84 -17.39 12.29
CA LEU C 4 -1.43 -16.26 13.00
C LEU C 4 -2.91 -16.52 13.28
N GLU C 5 -3.33 -16.28 14.52
CA GLU C 5 -4.71 -16.46 14.94
C GLU C 5 -5.22 -15.15 15.53
N GLU C 6 -6.31 -14.63 14.97
CA GLU C 6 -6.84 -13.33 15.34
C GLU C 6 -7.95 -13.44 16.38
N SER C 7 -8.19 -12.32 17.07
CA SER C 7 -9.25 -12.20 18.06
C SER C 7 -9.60 -10.73 18.21
N GLY C 8 -10.75 -10.48 18.85
CA GLY C 8 -11.07 -9.18 19.41
C GLY C 8 -12.22 -8.46 18.74
N GLY C 9 -12.43 -8.70 17.45
CA GLY C 9 -13.38 -7.90 16.69
C GLY C 9 -14.83 -7.96 17.14
N GLY C 10 -15.71 -7.36 16.36
CA GLY C 10 -17.13 -7.40 16.65
C GLY C 10 -17.81 -6.10 16.25
N LEU C 11 -18.92 -5.81 16.91
CA LEU C 11 -19.71 -4.63 16.59
C LEU C 11 -19.48 -3.63 17.72
N VAL C 12 -19.31 -2.37 17.35
CA VAL C 12 -18.92 -1.31 18.28
C VAL C 12 -19.53 0.00 17.79
N GLN C 13 -20.01 0.79 18.74
CA GLN C 13 -20.63 2.08 18.38
C GLN C 13 -19.56 3.03 17.84
N ALA C 14 -19.95 3.94 16.98
CA ALA C 14 -19.04 4.96 16.46
C ALA C 14 -18.51 5.84 17.59
N GLY C 15 -17.22 6.16 17.51
CA GLY C 15 -16.56 6.94 18.54
C GLY C 15 -15.98 6.12 19.67
N ARG C 16 -16.30 4.84 19.77
CA ARG C 16 -15.74 3.97 20.79
C ARG C 16 -14.46 3.33 20.26
N SER C 17 -13.89 2.41 21.04
CA SER C 17 -12.60 1.81 20.74
C SER C 17 -12.68 0.29 20.73
N LEU C 18 -11.67 -0.32 20.17
CA LEU C 18 -11.62 -1.79 20.08
C LEU C 18 -10.17 -2.21 19.86
N ARG C 19 -9.71 -3.22 20.57
CA ARG C 19 -8.35 -3.74 20.45
C ARG C 19 -8.41 -5.11 19.77
N LEU C 20 -7.79 -5.22 18.60
CA LEU C 20 -7.67 -6.49 17.92
C LEU C 20 -6.34 -7.14 18.28
N SER C 21 -6.37 -8.47 18.44
CA SER C 21 -5.18 -9.23 18.79
C SER C 21 -4.88 -10.25 17.70
N CYS C 22 -3.61 -10.59 17.58
CA CYS C 22 -3.14 -11.57 16.59
C CYS C 22 -1.99 -12.34 17.22
N ALA C 23 -2.26 -13.57 17.65
CA ALA C 23 -1.24 -14.42 18.26
C ALA C 23 -0.46 -15.16 17.18
N ALA C 24 0.87 -15.16 17.31
CA ALA C 24 1.78 -15.84 16.41
C ALA C 24 2.30 -17.13 17.05
N SER C 25 2.69 -18.08 16.19
CA SER C 25 3.22 -19.35 16.68
C SER C 25 4.68 -19.26 17.10
N GLU C 26 5.40 -18.23 16.65
CA GLU C 26 6.80 -18.04 17.01
C GLU C 26 7.07 -16.56 17.22
N HIS C 27 8.28 -16.25 17.67
CA HIS C 27 8.64 -14.87 17.95
C HIS C 27 8.82 -14.08 16.66
N THR C 28 8.42 -12.81 16.68
CA THR C 28 8.44 -11.98 15.49
C THR C 28 9.29 -10.72 15.62
N PHE C 29 9.78 -10.39 16.81
CA PHE C 29 10.40 -9.10 17.07
C PHE C 29 11.55 -8.82 16.10
N SER C 30 12.53 -9.73 16.06
CA SER C 30 13.70 -9.56 15.21
C SER C 30 13.63 -10.39 13.93
N SER C 31 12.47 -10.95 13.61
CA SER C 31 12.37 -11.88 12.49
C SER C 31 11.37 -11.48 11.41
N HIS C 32 10.27 -10.81 11.77
CA HIS C 32 9.17 -10.61 10.83
C HIS C 32 8.66 -9.17 10.85
N VAL C 33 8.35 -8.65 9.66
CA VAL C 33 7.51 -7.48 9.52
C VAL C 33 6.05 -7.91 9.70
N MET C 34 5.30 -7.12 10.45
CA MET C 34 3.90 -7.42 10.74
C MET C 34 3.02 -6.30 10.20
N GLY C 35 1.77 -6.65 9.88
CA GLY C 35 0.85 -5.68 9.32
C GLY C 35 -0.58 -6.00 9.63
N TRP C 36 -1.40 -4.96 9.72
CA TRP C 36 -2.85 -5.04 9.77
C TRP C 36 -3.40 -4.46 8.47
N PHE C 37 -4.25 -5.25 7.81
CA PHE C 37 -4.96 -4.89 6.58
C PHE C 37 -6.46 -4.98 6.81
N ARG C 38 -7.23 -4.34 5.94
CA ARG C 38 -8.68 -4.40 6.03
C ARG C 38 -9.30 -4.42 4.63
N GLN C 39 -10.49 -5.02 4.55
CA GLN C 39 -11.19 -5.15 3.28
C GLN C 39 -12.68 -5.07 3.51
N ALA C 40 -13.33 -4.17 2.78
CA ALA C 40 -14.77 -3.94 2.81
C ALA C 40 -15.45 -4.68 1.66
N PRO C 41 -16.76 -4.91 1.75
CA PRO C 41 -17.45 -5.61 0.65
C PRO C 41 -17.34 -4.83 -0.65
N GLY C 42 -17.07 -5.55 -1.74
CA GLY C 42 -16.86 -4.95 -3.04
C GLY C 42 -15.60 -4.11 -3.18
N LYS C 43 -14.87 -3.88 -2.10
CA LYS C 43 -13.68 -3.04 -2.11
C LYS C 43 -12.42 -3.91 -2.16
N GLU C 44 -11.31 -3.26 -2.46
CA GLU C 44 -10.02 -3.92 -2.45
C GLU C 44 -9.43 -3.94 -1.04
N ARG C 45 -8.48 -4.84 -0.83
CA ARG C 45 -7.78 -4.97 0.44
C ARG C 45 -6.71 -3.88 0.52
N GLU C 46 -6.68 -3.15 1.61
CA GLU C 46 -5.71 -2.08 1.79
C GLU C 46 -4.99 -2.23 3.12
N SER C 47 -3.73 -1.81 3.13
CA SER C 47 -2.94 -1.83 4.35
C SER C 47 -3.38 -0.72 5.30
N VAL C 48 -3.46 -1.06 6.59
CA VAL C 48 -3.84 -0.11 7.62
C VAL C 48 -2.64 0.29 8.48
N ALA C 49 -1.88 -0.70 8.95
CA ALA C 49 -0.76 -0.40 9.83
C ALA C 49 0.35 -1.43 9.61
N VAL C 50 1.60 -1.00 9.73
CA VAL C 50 2.74 -1.88 9.54
C VAL C 50 3.78 -1.58 10.61
N ILE C 51 4.32 -2.64 11.24
CA ILE C 51 5.40 -2.52 12.20
C ILE C 51 6.58 -3.36 11.73
N GLY C 52 7.76 -2.78 11.77
CA GLY C 52 8.94 -3.35 11.14
C GLY C 52 9.89 -4.02 12.10
N TRP C 53 11.10 -4.30 11.62
CA TRP C 53 12.09 -5.05 12.37
C TRP C 53 12.40 -4.36 13.69
N ARG C 54 12.26 -5.09 14.79
CA ARG C 54 12.55 -4.59 16.14
C ARG C 54 11.75 -3.33 16.47
N ASP C 55 10.57 -3.19 15.86
CA ASP C 55 9.66 -2.07 16.13
C ASP C 55 10.32 -0.71 15.93
N ILE C 56 11.27 -0.63 15.00
CA ILE C 56 11.96 0.63 14.75
C ILE C 56 11.02 1.66 14.15
N SER C 57 10.26 1.27 13.12
CA SER C 57 9.36 2.18 12.43
C SER C 57 7.96 1.60 12.37
N THR C 58 6.96 2.42 12.67
CA THR C 58 5.56 2.07 12.47
C THR C 58 4.97 3.00 11.41
N SER C 59 4.11 2.43 10.57
CA SER C 59 3.52 3.14 9.45
C SER C 59 2.01 2.96 9.50
N TYR C 60 1.28 4.02 9.14
CA TYR C 60 -0.17 4.03 9.23
C TYR C 60 -0.78 4.64 7.97
N ALA C 61 -1.96 4.15 7.60
CA ALA C 61 -2.73 4.76 6.53
C ALA C 61 -3.25 6.13 6.98
N ASP C 62 -3.35 7.05 6.03
CA ASP C 62 -3.73 8.42 6.37
C ASP C 62 -5.14 8.50 6.95
N SER C 63 -6.02 7.56 6.56
CA SER C 63 -7.38 7.58 7.07
C SER C 63 -7.45 7.25 8.56
N VAL C 64 -6.49 6.49 9.07
CA VAL C 64 -6.51 6.03 10.46
C VAL C 64 -5.43 6.68 11.30
N LYS C 65 -4.60 7.53 10.72
CA LYS C 65 -3.52 8.17 11.46
C LYS C 65 -4.07 8.97 12.63
N GLY C 66 -3.41 8.84 13.79
CA GLY C 66 -3.85 9.47 15.01
C GLY C 66 -4.96 8.74 15.74
N ARG C 67 -5.55 7.71 15.13
CA ARG C 67 -6.62 6.93 15.73
C ARG C 67 -6.24 5.49 16.02
N PHE C 68 -5.49 4.86 15.12
CA PHE C 68 -5.06 3.48 15.28
C PHE C 68 -3.61 3.43 15.73
N THR C 69 -3.26 2.35 16.43
CA THR C 69 -1.90 2.13 16.89
C THR C 69 -1.56 0.66 16.82
N ILE C 70 -0.47 0.32 16.14
CA ILE C 70 0.00 -1.05 16.03
C ILE C 70 1.13 -1.26 17.04
N SER C 71 1.11 -2.40 17.74
CA SER C 71 2.14 -2.68 18.72
C SER C 71 2.38 -4.19 18.78
N ARG C 72 3.47 -4.57 19.46
CA ARG C 72 3.90 -5.96 19.47
C ARG C 72 4.45 -6.31 20.84
N ASP C 73 3.85 -7.32 21.49
CA ASP C 73 4.35 -7.87 22.74
C ASP C 73 5.11 -9.15 22.40
N ASN C 74 6.44 -9.09 22.52
CA ASN C 74 7.28 -10.23 22.18
C ASN C 74 7.21 -11.34 23.22
N ALA C 75 6.99 -10.99 24.49
CA ALA C 75 6.82 -12.02 25.51
C ALA C 75 5.55 -12.80 25.27
N LYS C 76 4.45 -12.12 24.93
CA LYS C 76 3.20 -12.78 24.58
C LYS C 76 3.15 -13.24 23.13
N LYS C 77 4.13 -12.84 22.31
CA LYS C 77 4.14 -13.16 20.88
C LYS C 77 2.81 -12.76 20.23
N THR C 78 2.39 -11.53 20.52
CA THR C 78 1.06 -11.07 20.09
C THR C 78 1.16 -9.68 19.46
N LEU C 79 0.52 -9.51 18.31
CA LEU C 79 0.42 -8.25 17.62
C LEU C 79 -0.93 -7.60 17.94
N TYR C 80 -0.89 -6.35 18.37
CA TYR C 80 -2.09 -5.61 18.76
C TYR C 80 -2.36 -4.49 17.77
N LEU C 81 -3.65 -4.25 17.52
CA LEU C 81 -4.12 -3.07 16.81
C LEU C 81 -5.18 -2.38 17.67
N GLN C 82 -4.80 -1.26 18.29
CA GLN C 82 -5.73 -0.45 19.06
C GLN C 82 -6.42 0.53 18.13
N MET C 83 -7.75 0.61 18.22
CA MET C 83 -8.56 1.41 17.31
C MET C 83 -9.43 2.35 18.14
N ASN C 84 -9.09 3.63 18.13
CA ASN C 84 -9.83 4.65 18.85
C ASN C 84 -10.63 5.53 17.90
N SER C 85 -11.67 6.16 18.45
CA SER C 85 -12.53 7.08 17.68
C SER C 85 -13.00 6.44 16.38
N LEU C 86 -13.47 5.20 16.48
CA LEU C 86 -13.88 4.45 15.29
C LEU C 86 -15.04 5.14 14.58
N LYS C 87 -15.04 5.04 13.26
CA LYS C 87 -16.06 5.61 12.39
C LYS C 87 -16.66 4.52 11.52
N PRO C 88 -17.86 4.73 10.98
CA PRO C 88 -18.47 3.71 10.11
C PRO C 88 -17.59 3.30 8.94
N GLU C 89 -16.70 4.18 8.48
CA GLU C 89 -15.81 3.85 7.39
C GLU C 89 -14.81 2.77 7.77
N ASP C 90 -14.63 2.49 9.06
CA ASP C 90 -13.72 1.44 9.50
C ASP C 90 -14.32 0.04 9.40
N THR C 91 -15.61 -0.07 9.08
CA THR C 91 -16.26 -1.36 8.98
C THR C 91 -15.63 -2.19 7.88
N ALA C 92 -15.01 -3.32 8.26
CA ALA C 92 -14.39 -4.19 7.27
C ALA C 92 -13.95 -5.48 7.96
N VAL C 93 -13.46 -6.43 7.16
CA VAL C 93 -12.75 -7.58 7.69
C VAL C 93 -11.29 -7.19 7.86
N TYR C 94 -10.75 -7.43 9.05
CA TYR C 94 -9.37 -7.07 9.39
C TYR C 94 -8.53 -8.33 9.45
N TYR C 95 -7.38 -8.29 8.80
CA TYR C 95 -6.43 -9.39 8.76
C TYR C 95 -5.09 -8.95 9.34
N CYS C 96 -4.42 -9.88 10.01
CA CYS C 96 -3.03 -9.69 10.42
C CYS C 96 -2.14 -10.54 9.54
N ALA C 97 -1.09 -9.93 9.00
CA ALA C 97 -0.16 -10.60 8.11
C ALA C 97 1.26 -10.42 8.62
N ALA C 98 2.14 -11.32 8.21
CA ALA C 98 3.53 -11.28 8.62
C ALA C 98 4.39 -11.81 7.47
N ARG C 99 5.62 -11.31 7.42
CA ARG C 99 6.58 -11.76 6.41
C ARG C 99 7.98 -11.72 7.01
N ARG C 100 8.79 -12.71 6.66
CA ARG C 100 10.19 -12.69 7.09
C ARG C 100 10.88 -11.45 6.54
N ILE C 101 11.83 -10.91 7.31
CA ILE C 101 12.46 -9.65 6.98
C ILE C 101 13.25 -9.69 5.68
N ASP C 102 13.46 -10.87 5.10
CA ASP C 102 14.12 -11.01 3.81
C ASP C 102 13.15 -11.34 2.68
N ALA C 103 11.85 -11.29 2.94
CA ALA C 103 10.82 -11.54 1.94
C ALA C 103 10.00 -10.27 1.76
N ALA C 104 9.78 -9.88 0.51
CA ALA C 104 9.11 -8.61 0.24
C ALA C 104 7.60 -8.69 0.46
N ASP C 105 7.00 -9.86 0.32
CA ASP C 105 5.55 -10.02 0.31
C ASP C 105 5.08 -10.72 1.58
N PHE C 106 3.91 -10.29 2.07
CA PHE C 106 3.34 -10.89 3.27
C PHE C 106 2.83 -12.29 2.94
N ASP C 107 3.35 -13.30 3.64
CA ASP C 107 3.14 -14.70 3.31
C ASP C 107 2.30 -15.45 4.33
N SER C 108 2.05 -14.88 5.50
CA SER C 108 1.21 -15.48 6.51
C SER C 108 0.02 -14.57 6.78
N TRP C 109 -1.15 -15.16 7.00
CA TRP C 109 -2.37 -14.39 7.18
C TRP C 109 -3.23 -15.03 8.26
N GLY C 110 -3.95 -14.18 9.01
CA GLY C 110 -4.90 -14.66 9.98
C GLY C 110 -6.25 -14.94 9.35
N GLN C 111 -7.14 -15.52 10.14
CA GLN C 111 -8.42 -15.90 9.51
C GLN C 111 -9.18 -14.66 9.09
N GLY C 112 -8.95 -13.54 9.75
CA GLY C 112 -9.79 -12.37 9.53
C GLY C 112 -10.87 -12.25 10.59
N THR C 113 -11.21 -11.00 10.91
CA THR C 113 -12.23 -10.73 11.91
C THR C 113 -13.07 -9.55 11.47
N GLN C 114 -14.38 -9.66 11.63
CA GLN C 114 -15.29 -8.60 11.23
C GLN C 114 -15.29 -7.49 12.27
N VAL C 115 -15.14 -6.25 11.81
CA VAL C 115 -15.30 -5.06 12.64
C VAL C 115 -16.40 -4.22 12.02
N THR C 116 -17.51 -4.06 12.74
CA THR C 116 -18.64 -3.26 12.28
C THR C 116 -18.87 -2.12 13.25
N VAL C 117 -18.93 -0.91 12.72
CA VAL C 117 -19.05 0.31 13.50
C VAL C 117 -20.46 0.86 13.31
N SER C 118 -21.26 0.82 14.37
CA SER C 118 -22.65 1.27 14.33
C SER C 118 -22.72 2.78 14.18
N SER C 119 -23.84 3.25 13.62
CA SER C 119 -24.04 4.69 13.44
C SER C 119 -24.93 5.25 14.54
N MET D 1 -1.19 8.01 2.09
CA MET D 1 -1.33 6.84 2.98
C MET D 1 -0.03 6.03 3.06
N LEU D 2 0.01 5.05 3.98
CA LEU D 2 1.14 4.26 4.50
C LEU D 2 2.38 5.11 4.77
N GLN D 3 2.43 5.72 5.96
CA GLN D 3 3.58 6.59 6.34
C GLN D 3 3.75 6.54 7.87
N MET D 4 4.99 6.75 8.33
CA MET D 4 5.29 6.72 9.79
C MET D 4 5.15 8.14 10.37
N ALA D 5 4.81 8.25 11.65
CA ALA D 5 4.64 9.56 12.32
C ALA D 5 5.92 10.38 12.15
N GLY D 6 7.09 9.78 12.43
CA GLY D 6 8.38 10.47 12.32
C GLY D 6 9.01 10.24 10.96
N GLN D 7 10.34 10.41 10.86
CA GLN D 7 11.07 10.21 9.58
C GLN D 7 12.54 9.89 9.88
N CYS D 8 13.19 9.11 9.02
CA CYS D 8 14.58 8.74 9.20
C CYS D 8 15.46 9.98 9.29
N SER D 9 16.57 9.85 10.02
CA SER D 9 17.50 10.95 10.19
C SER D 9 18.38 11.09 8.96
N GLN D 10 19.18 12.17 8.95
CA GLN D 10 19.82 12.60 7.71
C GLN D 10 20.73 11.54 7.12
N ASN D 11 21.50 10.84 7.96
CA ASN D 11 22.42 9.81 7.52
C ASN D 11 21.81 8.40 7.56
N GLU D 12 20.50 8.30 7.58
CA GLU D 12 19.79 7.04 7.49
C GLU D 12 18.99 6.98 6.20
N TYR D 13 18.62 5.75 5.81
CA TYR D 13 17.71 5.51 4.71
C TYR D 13 16.64 4.54 5.17
N PHE D 14 15.48 4.58 4.52
CA PHE D 14 14.41 3.65 4.85
C PHE D 14 14.63 2.34 4.10
N ASP D 15 14.88 1.27 4.84
CA ASP D 15 15.00 -0.06 4.25
C ASP D 15 13.61 -0.65 4.11
N SER D 16 13.21 -0.94 2.87
CA SER D 16 11.88 -1.46 2.60
C SER D 16 11.76 -2.91 3.06
N LEU D 17 12.81 -3.71 2.84
CA LEU D 17 12.80 -5.11 3.28
C LEU D 17 12.61 -5.21 4.78
N LEU D 18 13.45 -4.51 5.55
CA LEU D 18 13.29 -4.47 7.00
C LEU D 18 12.14 -3.57 7.43
N HIS D 19 11.69 -2.68 6.54
CA HIS D 19 10.72 -1.65 6.88
C HIS D 19 11.18 -0.87 8.10
N ALA D 20 12.35 -0.23 7.97
CA ALA D 20 12.92 0.44 9.13
C ALA D 20 13.99 1.43 8.68
N CYS D 21 14.10 2.53 9.41
CA CYS D 21 15.23 3.43 9.23
C CYS D 21 16.52 2.70 9.57
N ILE D 22 17.51 2.79 8.68
CA ILE D 22 18.75 2.04 8.80
C ILE D 22 19.90 3.00 8.55
N PRO D 23 20.97 2.96 9.35
CA PRO D 23 22.13 3.80 9.06
C PRO D 23 22.80 3.40 7.76
N CYS D 24 23.12 4.40 6.94
CA CYS D 24 23.76 4.12 5.67
C CYS D 24 25.14 3.52 5.80
N GLN D 25 25.86 3.81 6.89
CA GLN D 25 27.22 3.29 7.04
C GLN D 25 27.29 1.78 6.87
N LEU D 26 26.15 1.11 6.93
CA LEU D 26 26.13 -0.35 6.82
C LEU D 26 25.84 -0.80 5.40
N ARG D 27 25.57 0.14 4.51
CA ARG D 27 25.02 -0.16 3.19
C ARG D 27 25.81 0.62 2.15
N CYS D 28 27.10 0.79 2.42
CA CYS D 28 27.93 1.64 1.58
C CYS D 28 29.26 0.98 1.26
N SER D 29 29.33 -0.34 1.38
CA SER D 29 30.55 -1.08 1.16
C SER D 29 30.45 -2.01 -0.04
N SER D 30 29.39 -1.88 -0.86
CA SER D 30 29.24 -2.48 -2.20
C SER D 30 27.81 -2.38 -2.73
N ASN D 31 27.55 -3.03 -3.86
CA ASN D 31 26.23 -3.53 -4.24
C ASN D 31 25.23 -2.40 -4.45
N THR D 32 24.26 -2.18 -3.55
CA THR D 32 23.08 -1.36 -3.76
C THR D 32 23.05 -0.12 -2.89
N PRO D 33 24.14 0.65 -2.80
CA PRO D 33 24.15 1.77 -1.88
C PRO D 33 22.97 2.69 -2.17
N PRO D 34 21.98 2.71 -1.28
CA PRO D 34 20.76 3.46 -1.57
C PRO D 34 21.11 4.87 -1.99
N LEU D 35 20.41 5.36 -3.02
CA LEU D 35 20.83 6.62 -3.62
C LEU D 35 20.89 7.73 -2.59
N THR D 36 19.95 7.73 -1.65
CA THR D 36 20.02 8.69 -0.56
C THR D 36 21.29 8.51 0.28
N CYS D 37 21.91 7.31 0.31
CA CYS D 37 23.11 7.11 1.11
C CYS D 37 24.40 7.41 0.36
N GLN D 38 24.36 7.51 -0.95
CA GLN D 38 25.60 7.70 -1.75
C GLN D 38 26.29 9.01 -1.38
N ARG D 39 25.52 10.02 -1.05
CA ARG D 39 26.22 11.24 -0.64
C ARG D 39 27.07 10.85 0.56
N TYR D 40 26.43 10.40 1.64
CA TYR D 40 27.20 10.18 2.86
C TYR D 40 28.38 9.26 2.61
N CYS D 41 28.22 8.25 1.77
CA CYS D 41 29.29 7.26 1.64
C CYS D 41 30.35 7.64 0.63
N ASN D 42 30.15 8.74 -0.10
CA ASN D 42 31.25 9.34 -0.84
C ASN D 42 32.12 10.19 0.05
N ALA D 43 31.58 10.68 1.16
CA ALA D 43 32.35 11.39 2.18
C ALA D 43 32.90 10.47 3.25
N SER D 44 32.60 9.17 3.16
CA SER D 44 33.10 8.09 4.02
C SER D 44 32.80 8.41 5.48
N VAL D 45 33.69 7.96 6.37
CA VAL D 45 33.58 8.08 7.83
C VAL D 45 32.77 9.29 8.32
#